data_5LYW
#
_entry.id   5LYW
#
_cell.length_a   89.780
_cell.length_b   100.230
_cell.length_c   100.380
_cell.angle_alpha   90.000
_cell.angle_beta   90.000
_cell.angle_gamma   90.000
#
_symmetry.space_group_name_H-M   'C 2 2 21'
#
loop_
_entity.id
_entity.type
_entity.pdbx_description
1 polymer 'Methionine aminopeptidase 2'
2 non-polymer 6-[(2~{R})-2-[(2-methylphenoxy)methyl]pyrrolidin-1-yl]-7~{H}-purine
3 non-polymer 'MANGANESE (II) ION'
4 water water
#
_entity_poly.entity_id   1
_entity_poly.type   'polypeptide(L)'
_entity_poly.pdbx_seq_one_letter_code
;MGPKVQTDPPSVPICDLYPNGVFPKGQECEYPPTQDGRTAAWRTTSEEKKALDQASEEIWNDFREAAEAHRQVRKYVMSW
IKPGMTMIEICEKLEDCSRKLIKENGLNAGLAFPTGCSLNNCAAHYTPNAGDTTVLQYDDICKIDFGTHISGRIIDCAFT
VTFNPKYDTLLKAVKDATNTGIKCAGIDVRLCDVGEAIQEVMESYEVEIDGKTYQVKPIRNLNGHSIGQYRIHAGKTVPI
VKGGEATRMEEGEVYAIETFGSTGKGVVHDDMECSHYMKNFDVGHVPIRLPRTKHLLNVINENFGTLAFCRRWLDRLGES
KYLMALKNLCDLGIVDPYPPLCDIKGSYTAQFEHTILLRPTCKEVVSRGDDYHHHHHH
;
_entity_poly.pdbx_strand_id   A
#
loop_
_chem_comp.id
_chem_comp.type
_chem_comp.name
_chem_comp.formula
7BH non-polymer 6-[(2~{R})-2-[(2-methylphenoxy)methyl]pyrrolidin-1-yl]-7~{H}-purine 'C17 H19 N5 O'
MN non-polymer 'MANGANESE (II) ION' 'Mn 2'
#
# COMPACT_ATOMS: atom_id res chain seq x y z
N LYS A 4 -3.13 -28.97 4.93
CA LYS A 4 -3.74 -28.31 3.78
C LYS A 4 -4.81 -27.27 4.19
N VAL A 5 -4.95 -27.00 5.51
CA VAL A 5 -5.81 -25.93 6.06
C VAL A 5 -4.88 -24.90 6.74
N GLN A 6 -5.30 -23.64 6.81
CA GLN A 6 -4.47 -22.60 7.43
C GLN A 6 -4.37 -22.78 8.95
N THR A 7 -3.17 -22.61 9.52
CA THR A 7 -2.95 -22.75 10.96
C THR A 7 -3.32 -21.49 11.73
N ASP A 8 -3.27 -21.57 13.06
CA ASP A 8 -3.48 -20.45 13.99
C ASP A 8 -2.29 -20.42 14.99
N PRO A 9 -1.35 -19.44 14.92
CA PRO A 9 -1.25 -18.31 13.98
C PRO A 9 -0.94 -18.77 12.54
N PRO A 10 -1.35 -18.03 11.47
CA PRO A 10 -1.07 -18.53 10.10
C PRO A 10 0.40 -18.71 9.78
N SER A 11 0.74 -19.88 9.23
CA SER A 11 2.13 -20.20 8.84
C SER A 11 2.18 -20.93 7.49
N VAL A 12 1.03 -21.42 7.00
CA VAL A 12 0.97 -22.19 5.74
C VAL A 12 0.96 -21.27 4.51
N PRO A 13 1.95 -21.39 3.58
CA PRO A 13 1.94 -20.52 2.38
C PRO A 13 0.63 -20.64 1.62
N ILE A 14 0.17 -19.51 1.04
CA ILE A 14 -1.09 -19.51 0.25
C ILE A 14 -0.97 -20.54 -0.89
N CYS A 15 0.23 -20.63 -1.49
CA CYS A 15 0.51 -21.63 -2.55
C CYS A 15 0.15 -23.07 -2.12
N ASP A 16 0.38 -23.45 -0.84
CA ASP A 16 0.04 -24.81 -0.37
C ASP A 16 -1.45 -25.00 -0.08
N LEU A 17 -2.17 -23.90 0.12
CA LEU A 17 -3.61 -23.94 0.40
C LEU A 17 -4.43 -24.14 -0.86
N TYR A 18 -3.85 -23.80 -2.02
CA TYR A 18 -4.53 -23.96 -3.32
C TYR A 18 -3.68 -24.89 -4.18
N PRO A 19 -3.78 -26.22 -3.95
CA PRO A 19 -2.94 -27.19 -4.67
C PRO A 19 -2.92 -27.16 -6.20
N ASN A 20 -3.99 -26.65 -6.86
CA ASN A 20 -4.00 -26.63 -8.34
C ASN A 20 -3.56 -25.28 -8.94
N GLY A 21 -3.01 -24.40 -8.10
CA GLY A 21 -2.50 -23.09 -8.50
C GLY A 21 -3.50 -22.03 -8.93
N VAL A 22 -4.79 -22.20 -8.60
CA VAL A 22 -5.84 -21.24 -8.94
C VAL A 22 -6.28 -20.57 -7.65
N PHE A 23 -5.99 -19.26 -7.53
CA PHE A 23 -6.25 -18.49 -6.32
C PHE A 23 -7.62 -17.79 -6.34
N PRO A 24 -8.24 -17.52 -5.19
CA PRO A 24 -9.58 -16.92 -5.21
C PRO A 24 -9.63 -15.51 -5.77
N LYS A 25 -10.67 -15.23 -6.57
CA LYS A 25 -10.84 -13.89 -7.12
C LYS A 25 -11.31 -12.95 -6.02
N GLY A 26 -11.03 -11.66 -6.20
CA GLY A 26 -11.52 -10.62 -5.30
C GLY A 26 -12.96 -10.33 -5.67
N GLN A 27 -13.49 -9.20 -5.19
CA GLN A 27 -14.86 -8.78 -5.50
C GLN A 27 -14.93 -8.36 -6.96
N GLU A 28 -15.84 -8.95 -7.75
CA GLU A 28 -16.01 -8.57 -9.15
C GLU A 28 -17.19 -7.62 -9.27
N CYS A 29 -17.00 -6.50 -10.00
CA CYS A 29 -18.01 -5.45 -10.20
C CYS A 29 -18.18 -5.11 -11.66
N GLU A 30 -19.39 -4.69 -12.01
CA GLU A 30 -19.67 -4.18 -13.34
C GLU A 30 -19.11 -2.75 -13.37
N TYR A 31 -18.65 -2.27 -14.52
CA TYR A 31 -18.10 -0.90 -14.62
C TYR A 31 -19.22 0.18 -14.51
N PRO A 32 -18.92 1.41 -14.00
CA PRO A 32 -19.98 2.43 -13.88
C PRO A 32 -20.55 2.95 -15.21
N THR A 39 -24.45 1.78 -20.56
CA THR A 39 -24.21 0.65 -19.67
C THR A 39 -22.94 -0.11 -20.06
N ALA A 40 -22.13 -0.52 -19.05
CA ALA A 40 -20.89 -1.25 -19.29
C ALA A 40 -21.03 -2.79 -19.17
N ALA A 41 -22.25 -3.27 -18.89
CA ALA A 41 -22.58 -4.71 -18.78
C ALA A 41 -22.18 -5.57 -19.97
N TRP A 42 -22.16 -5.01 -21.22
CA TRP A 42 -21.74 -5.73 -22.43
C TRP A 42 -20.34 -6.39 -22.30
N ARG A 43 -19.49 -5.86 -21.41
CA ARG A 43 -18.14 -6.37 -21.18
C ARG A 43 -18.08 -7.80 -20.64
N THR A 44 -18.96 -8.15 -19.68
CA THR A 44 -18.93 -9.48 -19.02
C THR A 44 -19.33 -10.64 -19.95
N THR A 45 -19.94 -10.37 -21.13
CA THR A 45 -20.37 -11.39 -22.07
C THR A 45 -19.73 -11.28 -23.45
N SER A 46 -18.92 -10.23 -23.68
CA SER A 46 -18.23 -10.00 -24.95
C SER A 46 -17.18 -11.09 -25.12
N GLU A 47 -17.26 -11.83 -26.24
CA GLU A 47 -16.36 -12.93 -26.57
C GLU A 47 -14.91 -12.50 -26.68
N GLU A 48 -14.68 -11.27 -27.22
CA GLU A 48 -13.34 -10.70 -27.36
C GLU A 48 -12.79 -10.22 -26.02
N LYS A 49 -13.65 -9.68 -25.14
CA LYS A 49 -13.22 -9.26 -23.81
C LYS A 49 -12.88 -10.48 -22.95
N LYS A 50 -13.64 -11.59 -23.11
CA LYS A 50 -13.40 -12.85 -22.41
C LYS A 50 -12.04 -13.44 -22.83
N ALA A 51 -11.74 -13.44 -24.15
CA ALA A 51 -10.46 -13.92 -24.69
C ALA A 51 -9.32 -13.03 -24.21
N LEU A 52 -9.51 -11.68 -24.28
CA LEU A 52 -8.50 -10.72 -23.82
C LEU A 52 -8.23 -10.83 -22.30
N ASP A 53 -9.24 -11.22 -21.52
CA ASP A 53 -9.13 -11.40 -20.07
C ASP A 53 -8.37 -12.70 -19.76
N GLN A 54 -8.74 -13.80 -20.44
CA GLN A 54 -8.12 -15.12 -20.29
C GLN A 54 -6.65 -15.08 -20.70
N ALA A 55 -6.26 -14.15 -21.60
CA ALA A 55 -4.89 -13.95 -22.07
C ALA A 55 -4.00 -13.48 -20.94
N SER A 56 -4.54 -12.65 -20.00
CA SER A 56 -3.82 -12.12 -18.86
C SER A 56 -4.13 -12.88 -17.56
N GLU A 57 -4.72 -14.09 -17.66
CA GLU A 57 -5.14 -14.88 -16.51
C GLU A 57 -4.03 -15.24 -15.54
N GLU A 58 -2.85 -15.66 -16.02
CA GLU A 58 -1.78 -16.01 -15.07
C GLU A 58 -1.26 -14.76 -14.32
N ILE A 59 -1.47 -13.54 -14.89
CA ILE A 59 -1.17 -12.25 -14.25
C ILE A 59 -2.19 -12.04 -13.13
N TRP A 60 -3.51 -12.11 -13.45
CA TRP A 60 -4.54 -11.94 -12.43
C TRP A 60 -4.39 -12.96 -11.31
N ASN A 61 -3.96 -14.18 -11.67
CA ASN A 61 -3.75 -15.27 -10.73
C ASN A 61 -2.66 -14.93 -9.72
N ASP A 62 -1.58 -14.25 -10.17
CA ASP A 62 -0.47 -13.80 -9.29
C ASP A 62 -0.95 -12.72 -8.32
N PHE A 63 -1.74 -11.76 -8.81
CA PHE A 63 -2.31 -10.72 -7.93
C PHE A 63 -3.21 -11.37 -6.89
N ARG A 64 -3.97 -12.41 -7.31
CA ARG A 64 -4.89 -13.06 -6.38
C ARG A 64 -4.16 -13.82 -5.29
N GLU A 65 -3.02 -14.45 -5.63
CA GLU A 65 -2.25 -15.15 -4.63
C GLU A 65 -1.72 -14.12 -3.64
N ALA A 66 -1.20 -13.00 -4.15
CA ALA A 66 -0.69 -11.92 -3.29
C ALA A 66 -1.81 -11.34 -2.39
N ALA A 67 -3.02 -11.22 -2.95
CA ALA A 67 -4.18 -10.69 -2.25
C ALA A 67 -4.67 -11.62 -1.13
N GLU A 68 -4.65 -12.97 -1.36
CA GLU A 68 -5.05 -13.92 -0.33
C GLU A 68 -4.05 -13.89 0.82
N ALA A 69 -2.77 -13.78 0.52
CA ALA A 69 -1.77 -13.65 1.58
C ALA A 69 -2.05 -12.35 2.35
N HIS A 70 -2.34 -11.23 1.65
CA HIS A 70 -2.61 -9.93 2.32
C HIS A 70 -3.83 -10.00 3.23
N ARG A 71 -4.94 -10.63 2.79
CA ARG A 71 -6.15 -10.78 3.61
C ARG A 71 -5.87 -11.60 4.86
N GLN A 72 -5.11 -12.73 4.73
CA GLN A 72 -4.83 -13.58 5.90
C GLN A 72 -3.89 -12.88 6.90
N VAL A 73 -2.92 -12.12 6.37
CA VAL A 73 -2.03 -11.36 7.28
C VAL A 73 -2.86 -10.28 7.99
N ARG A 74 -3.71 -9.56 7.26
CA ARG A 74 -4.40 -8.46 7.97
C ARG A 74 -5.41 -8.94 8.99
N LYS A 75 -6.05 -10.10 8.80
CA LYS A 75 -6.96 -10.64 9.81
C LYS A 75 -6.15 -11.05 11.05
N TYR A 76 -4.96 -11.58 10.83
CA TYR A 76 -4.03 -12.00 11.89
C TYR A 76 -3.59 -10.73 12.65
N VAL A 77 -3.16 -9.67 11.95
CA VAL A 77 -2.77 -8.40 12.64
C VAL A 77 -3.89 -7.86 13.55
N MET A 78 -5.10 -7.84 13.03
CA MET A 78 -6.25 -7.29 13.78
C MET A 78 -6.53 -8.05 15.06
N SER A 79 -6.13 -9.32 15.11
CA SER A 79 -6.32 -10.18 16.28
C SER A 79 -5.36 -9.86 17.42
N TRP A 80 -4.21 -9.24 17.15
CA TRP A 80 -3.24 -9.02 18.23
C TRP A 80 -2.72 -7.62 18.33
N ILE A 81 -2.92 -6.77 17.32
CA ILE A 81 -2.34 -5.43 17.46
C ILE A 81 -2.93 -4.69 18.68
N LYS A 82 -2.07 -4.24 19.61
CA LYS A 82 -2.61 -3.62 20.82
C LYS A 82 -1.67 -2.55 21.31
N PRO A 83 -2.21 -1.54 22.02
CA PRO A 83 -1.30 -0.55 22.64
C PRO A 83 -0.35 -1.29 23.59
N GLY A 84 0.88 -0.77 23.75
CA GLY A 84 1.88 -1.39 24.61
C GLY A 84 2.96 -2.07 23.77
N MET A 85 2.59 -2.53 22.56
CA MET A 85 3.57 -3.16 21.68
C MET A 85 4.46 -2.04 21.09
N THR A 86 5.74 -2.32 20.86
CA THR A 86 6.56 -1.32 20.17
C THR A 86 6.21 -1.38 18.68
N MET A 87 6.51 -0.31 17.93
CA MET A 87 6.25 -0.31 16.49
C MET A 87 7.14 -1.35 15.82
N ILE A 88 8.40 -1.51 16.31
CA ILE A 88 9.27 -2.57 15.74
C ILE A 88 8.60 -3.95 15.93
N GLU A 89 8.12 -4.26 17.15
CA GLU A 89 7.46 -5.56 17.41
C GLU A 89 6.29 -5.80 16.44
N ILE A 90 5.46 -4.76 16.21
CA ILE A 90 4.30 -4.89 15.33
C ILE A 90 4.79 -5.20 13.91
N CYS A 91 5.77 -4.42 13.41
CA CYS A 91 6.24 -4.61 12.05
C CYS A 91 6.89 -5.93 11.87
N GLU A 92 7.68 -6.37 12.85
CA GLU A 92 8.34 -7.66 12.72
C GLU A 92 7.35 -8.83 12.75
N LYS A 93 6.34 -8.77 13.65
CA LYS A 93 5.35 -9.83 13.76
C LYS A 93 4.51 -9.92 12.47
N LEU A 94 4.11 -8.77 11.90
CA LEU A 94 3.36 -8.72 10.65
C LEU A 94 4.25 -9.26 9.49
N GLU A 95 5.50 -8.78 9.38
CA GLU A 95 6.34 -9.19 8.25
C GLU A 95 6.72 -10.65 8.33
N ASP A 96 6.91 -11.18 9.55
CA ASP A 96 7.26 -12.60 9.74
C ASP A 96 6.15 -13.45 9.13
N CYS A 97 4.90 -13.04 9.34
CA CYS A 97 3.71 -13.74 8.82
C CYS A 97 3.59 -13.58 7.31
N SER A 98 3.75 -12.34 6.82
CA SER A 98 3.67 -12.04 5.39
C SER A 98 4.72 -12.85 4.63
N ARG A 99 5.96 -12.93 5.15
CA ARG A 99 7.01 -13.70 4.44
C ARG A 99 6.65 -15.16 4.31
N LYS A 100 6.08 -15.73 5.37
CA LYS A 100 5.68 -17.14 5.38
C LYS A 100 4.51 -17.37 4.43
N LEU A 101 3.46 -16.53 4.47
CA LEU A 101 2.27 -16.74 3.62
C LEU A 101 2.51 -16.52 2.14
N ILE A 102 3.38 -15.55 1.81
CA ILE A 102 3.68 -15.28 0.40
C ILE A 102 4.71 -16.28 -0.15
N LYS A 103 5.35 -17.08 0.74
CA LYS A 103 6.44 -18.02 0.43
C LYS A 103 7.55 -17.22 -0.26
N GLU A 104 8.15 -16.29 0.51
CA GLU A 104 9.18 -15.40 0.01
C GLU A 104 10.25 -16.15 -0.73
N ASN A 105 10.58 -15.68 -1.94
CA ASN A 105 11.57 -16.32 -2.82
C ASN A 105 12.21 -15.26 -3.68
N GLY A 106 13.19 -14.56 -3.11
CA GLY A 106 13.92 -13.50 -3.78
C GLY A 106 12.99 -12.49 -4.42
N LEU A 107 13.24 -12.17 -5.70
CA LEU A 107 12.39 -11.23 -6.45
C LEU A 107 11.14 -11.88 -7.04
N ASN A 108 10.98 -13.22 -6.91
CA ASN A 108 9.79 -13.92 -7.46
C ASN A 108 8.55 -13.86 -6.59
N ALA A 109 8.72 -13.67 -5.27
CA ALA A 109 7.60 -13.59 -4.32
C ALA A 109 8.14 -12.96 -3.08
N GLY A 110 7.36 -12.07 -2.48
CA GLY A 110 7.87 -11.41 -1.29
C GLY A 110 7.05 -10.23 -0.86
N LEU A 111 7.71 -9.36 -0.10
CA LEU A 111 7.08 -8.15 0.43
C LEU A 111 7.31 -7.06 -0.60
N ALA A 112 6.27 -6.33 -0.94
CA ALA A 112 6.38 -5.35 -2.05
C ALA A 112 6.94 -4.03 -1.60
N PHE A 113 6.84 -3.72 -0.30
CA PHE A 113 7.35 -2.48 0.26
C PHE A 113 7.28 -2.56 1.76
N PRO A 114 8.02 -1.68 2.47
CA PRO A 114 8.04 -1.78 3.94
C PRO A 114 6.67 -1.58 4.58
N THR A 115 6.46 -2.17 5.74
CA THR A 115 5.20 -2.03 6.49
C THR A 115 5.10 -0.65 7.08
N GLY A 116 4.16 0.14 6.57
CA GLY A 116 3.90 1.44 7.15
C GLY A 116 3.06 1.22 8.41
N CYS A 117 3.33 1.99 9.47
CA CYS A 117 2.53 1.93 10.71
C CYS A 117 2.47 3.36 11.24
N SER A 118 2.24 4.29 10.33
CA SER A 118 2.24 5.74 10.57
C SER A 118 1.24 6.15 11.66
N LEU A 119 1.69 6.99 12.63
CA LEU A 119 0.83 7.35 13.74
C LEU A 119 0.37 8.77 13.74
N ASN A 120 -0.93 8.97 14.11
CA ASN A 120 -1.50 10.28 14.46
C ASN A 120 -1.43 11.30 13.33
N ASN A 121 -0.61 12.38 13.45
CA ASN A 121 -0.55 13.33 12.33
C ASN A 121 0.33 12.79 11.18
N CYS A 122 1.09 11.73 11.41
CA CYS A 122 1.86 11.11 10.35
C CYS A 122 0.92 10.24 9.55
N ALA A 123 0.83 10.52 8.25
CA ALA A 123 -0.10 9.82 7.38
C ALA A 123 0.49 8.62 6.68
N ALA A 124 1.79 8.66 6.35
CA ALA A 124 2.37 7.60 5.52
C ALA A 124 3.87 7.61 5.60
N HIS A 125 4.46 6.49 5.18
CA HIS A 125 5.89 6.28 4.97
C HIS A 125 6.69 6.30 6.26
N TYR A 126 6.04 5.99 7.40
CA TYR A 126 6.78 5.77 8.62
C TYR A 126 6.82 4.27 8.87
N THR A 127 8.03 3.73 9.07
CA THR A 127 8.25 2.42 9.62
C THR A 127 9.43 2.65 10.55
N PRO A 128 9.51 1.98 11.70
CA PRO A 128 10.64 2.26 12.56
C PRO A 128 11.96 1.76 11.94
N ASN A 129 13.05 2.52 12.24
CA ASN A 129 14.41 2.10 11.95
C ASN A 129 14.89 1.41 13.24
N ALA A 130 16.04 0.73 13.18
CA ALA A 130 16.60 0.09 14.36
C ALA A 130 16.77 1.10 15.49
N GLY A 131 16.48 0.65 16.69
CA GLY A 131 16.61 1.49 17.88
C GLY A 131 15.44 2.40 18.18
N ASP A 132 14.42 2.42 17.30
CA ASP A 132 13.25 3.28 17.53
C ASP A 132 12.46 2.66 18.71
N THR A 133 12.24 3.44 19.79
CA THR A 133 11.58 2.93 21.00
C THR A 133 10.09 3.25 21.02
N THR A 134 9.53 3.77 19.93
CA THR A 134 8.13 4.13 19.89
C THR A 134 7.22 2.97 20.25
N VAL A 135 6.29 3.26 21.17
CA VAL A 135 5.29 2.30 21.66
C VAL A 135 3.92 2.76 21.20
N LEU A 136 3.10 1.84 20.69
CA LEU A 136 1.72 2.14 20.28
C LEU A 136 0.87 2.47 21.52
N GLN A 137 0.16 3.60 21.47
CA GLN A 137 -0.64 4.07 22.61
C GLN A 137 -2.13 3.89 22.37
N TYR A 138 -2.89 3.90 23.46
CA TYR A 138 -4.33 3.72 23.41
C TYR A 138 -5.00 4.78 22.54
N ASP A 139 -4.53 6.04 22.63
CA ASP A 139 -5.11 7.12 21.84
C ASP A 139 -4.50 7.25 20.45
N ASP A 140 -3.62 6.35 20.07
CA ASP A 140 -3.03 6.46 18.73
C ASP A 140 -3.96 6.08 17.58
N ILE A 141 -3.77 6.74 16.43
CA ILE A 141 -4.48 6.35 15.21
C ILE A 141 -3.38 5.86 14.24
N CYS A 142 -3.34 4.55 13.98
CA CYS A 142 -2.22 3.88 13.27
C CYS A 142 -2.62 3.38 11.90
N LYS A 143 -1.92 3.80 10.86
CA LYS A 143 -2.23 3.34 9.51
C LYS A 143 -1.32 2.18 9.17
N ILE A 144 -1.91 0.97 9.06
CA ILE A 144 -1.14 -0.23 8.71
C ILE A 144 -1.22 -0.33 7.19
N ASP A 145 -0.08 -0.21 6.50
CA ASP A 145 -0.07 -0.22 5.05
C ASP A 145 1.07 -1.15 4.65
N PHE A 146 0.71 -2.32 4.13
CA PHE A 146 1.79 -3.25 3.76
C PHE A 146 1.44 -3.84 2.42
N GLY A 147 2.47 -4.41 1.79
CA GLY A 147 2.28 -4.93 0.45
C GLY A 147 2.92 -6.26 0.24
N THR A 148 2.29 -7.06 -0.64
CA THR A 148 2.80 -8.38 -0.99
C THR A 148 2.91 -8.42 -2.50
N HIS A 149 3.75 -9.31 -3.04
CA HIS A 149 3.75 -9.46 -4.49
C HIS A 149 4.09 -10.89 -4.87
N ILE A 150 3.63 -11.27 -6.06
CA ILE A 150 4.04 -12.51 -6.70
C ILE A 150 4.48 -12.02 -8.07
N SER A 151 5.71 -12.38 -8.48
CA SER A 151 6.28 -12.00 -9.77
C SER A 151 6.12 -10.49 -10.06
N GLY A 152 6.23 -9.69 -9.01
CA GLY A 152 6.11 -8.25 -9.11
C GLY A 152 4.71 -7.72 -9.32
N ARG A 153 3.69 -8.59 -9.14
CA ARG A 153 2.27 -8.20 -9.22
C ARG A 153 1.92 -7.85 -7.80
N ILE A 154 1.83 -6.54 -7.54
CA ILE A 154 1.75 -5.96 -6.21
C ILE A 154 0.34 -5.75 -5.69
N ILE A 155 0.11 -6.11 -4.42
CA ILE A 155 -1.13 -5.75 -3.72
C ILE A 155 -0.75 -4.67 -2.72
N ASP A 156 -1.38 -3.50 -2.87
CA ASP A 156 -1.16 -2.34 -2.02
C ASP A 156 -2.49 -2.13 -1.30
N CYS A 157 -2.51 -2.45 0.00
CA CYS A 157 -3.79 -2.40 0.73
C CYS A 157 -3.49 -1.94 2.18
N ALA A 158 -4.31 -1.03 2.69
CA ALA A 158 -4.07 -0.42 3.98
C ALA A 158 -5.35 -0.16 4.73
N PHE A 159 -5.22 -0.10 6.05
CA PHE A 159 -6.37 0.19 6.93
C PHE A 159 -5.86 0.92 8.16
N THR A 160 -6.79 1.52 8.88
CA THR A 160 -6.44 2.30 10.07
C THR A 160 -6.93 1.56 11.30
N VAL A 161 -6.06 1.52 12.30
CA VAL A 161 -6.27 0.83 13.57
C VAL A 161 -6.41 1.91 14.65
N THR A 162 -7.43 1.76 15.51
CA THR A 162 -7.65 2.64 16.64
C THR A 162 -8.15 1.78 17.79
N PHE A 163 -8.09 2.34 19.01
CA PHE A 163 -8.55 1.66 20.23
C PHE A 163 -9.57 2.54 20.92
N ASN A 164 -9.45 3.86 20.72
CA ASN A 164 -10.38 4.83 21.32
C ASN A 164 -11.54 5.07 20.36
N PRO A 165 -12.81 4.90 20.82
CA PRO A 165 -13.95 5.13 19.91
C PRO A 165 -14.13 6.59 19.43
N LYS A 166 -13.39 7.56 20.02
CA LYS A 166 -13.48 8.95 19.59
C LYS A 166 -13.15 9.14 18.07
N TYR A 167 -12.39 8.21 17.47
CA TYR A 167 -12.03 8.37 16.05
C TYR A 167 -12.98 7.66 15.11
N ASP A 168 -14.01 6.97 15.65
CA ASP A 168 -14.87 6.14 14.80
C ASP A 168 -15.45 6.87 13.60
N THR A 169 -15.96 8.09 13.79
CA THR A 169 -16.56 8.81 12.64
C THR A 169 -15.50 9.27 11.63
N LEU A 170 -14.27 9.62 12.07
CA LEU A 170 -13.19 9.97 11.13
C LEU A 170 -12.86 8.71 10.26
N LEU A 171 -12.77 7.55 10.89
CA LEU A 171 -12.49 6.31 10.13
C LEU A 171 -13.64 6.02 9.16
N LYS A 172 -14.91 6.24 9.58
CA LYS A 172 -16.07 5.98 8.72
C LYS A 172 -15.99 6.90 7.50
N ALA A 173 -15.61 8.16 7.71
CA ALA A 173 -15.51 9.15 6.59
C ALA A 173 -14.54 8.68 5.53
N VAL A 174 -13.35 8.24 5.96
CA VAL A 174 -12.30 7.85 5.05
C VAL A 174 -12.62 6.56 4.36
N LYS A 175 -13.20 5.60 5.09
CA LYS A 175 -13.64 4.33 4.50
C LYS A 175 -14.69 4.59 3.42
N ASP A 176 -15.68 5.49 3.70
CA ASP A 176 -16.72 5.80 2.74
C ASP A 176 -16.13 6.47 1.50
N ALA A 177 -15.15 7.37 1.69
CA ALA A 177 -14.47 8.05 0.59
C ALA A 177 -13.70 7.04 -0.26
N THR A 178 -13.02 6.08 0.37
CA THR A 178 -12.27 5.05 -0.38
C THR A 178 -13.25 4.17 -1.18
N ASN A 179 -14.34 3.71 -0.54
CA ASN A 179 -15.34 2.91 -1.24
C ASN A 179 -15.97 3.67 -2.42
N THR A 180 -16.15 5.00 -2.29
CA THR A 180 -16.69 5.85 -3.37
C THR A 180 -15.72 5.86 -4.56
N GLY A 181 -14.42 5.99 -4.27
CA GLY A 181 -13.34 5.95 -5.25
C GLY A 181 -13.34 4.63 -6.00
N ILE A 182 -13.44 3.50 -5.26
CA ILE A 182 -13.48 2.16 -5.85
C ILE A 182 -14.68 2.05 -6.81
N LYS A 183 -15.85 2.55 -6.36
CA LYS A 183 -17.08 2.53 -7.15
C LYS A 183 -17.01 3.40 -8.41
N CYS A 184 -16.44 4.61 -8.29
CA CYS A 184 -16.30 5.59 -9.38
C CYS A 184 -15.30 5.12 -10.47
N ALA A 185 -14.25 4.38 -10.07
CA ALA A 185 -13.18 3.88 -10.95
C ALA A 185 -13.70 2.97 -12.08
N GLY A 186 -13.10 3.08 -13.25
CA GLY A 186 -13.49 2.24 -14.39
C GLY A 186 -12.76 2.58 -15.65
N ILE A 187 -12.85 1.68 -16.67
CA ILE A 187 -12.23 1.91 -17.98
C ILE A 187 -12.83 3.17 -18.61
N ASP A 188 -11.95 4.05 -19.12
CA ASP A 188 -12.22 5.33 -19.78
C ASP A 188 -12.75 6.42 -18.81
N VAL A 189 -12.80 6.13 -17.50
CA VAL A 189 -13.23 7.12 -16.50
C VAL A 189 -12.09 8.09 -16.27
N ARG A 190 -12.39 9.39 -16.16
CA ARG A 190 -11.34 10.40 -15.89
C ARG A 190 -10.89 10.26 -14.44
N LEU A 191 -9.58 10.40 -14.22
CA LEU A 191 -8.96 10.32 -12.89
C LEU A 191 -9.41 11.46 -12.00
N CYS A 192 -9.56 12.67 -12.58
CA CYS A 192 -10.03 13.85 -11.86
C CYS A 192 -11.49 13.67 -11.42
N ASP A 193 -12.29 12.90 -12.19
CA ASP A 193 -13.68 12.56 -11.83
C ASP A 193 -13.72 11.63 -10.62
N VAL A 194 -12.69 10.75 -10.49
CA VAL A 194 -12.58 9.87 -9.33
C VAL A 194 -12.26 10.74 -8.11
N GLY A 195 -11.33 11.68 -8.28
CA GLY A 195 -10.93 12.62 -7.24
C GLY A 195 -12.04 13.50 -6.71
N GLU A 196 -12.87 14.04 -7.62
CA GLU A 196 -13.98 14.89 -7.20
C GLU A 196 -15.05 14.12 -6.39
N ALA A 197 -15.31 12.84 -6.76
CA ALA A 197 -16.32 12.02 -6.08
C ALA A 197 -15.86 11.70 -4.64
N ILE A 198 -14.55 11.44 -4.48
CA ILE A 198 -13.92 11.15 -3.20
C ILE A 198 -14.02 12.36 -2.27
N GLN A 199 -13.65 13.57 -2.77
CA GLN A 199 -13.71 14.79 -1.96
C GLN A 199 -15.10 15.10 -1.48
N GLU A 200 -16.10 14.98 -2.37
CA GLU A 200 -17.49 15.26 -2.04
C GLU A 200 -17.92 14.39 -0.86
N VAL A 201 -17.59 13.10 -0.91
CA VAL A 201 -17.96 12.15 0.15
C VAL A 201 -17.21 12.45 1.42
N MET A 202 -15.88 12.62 1.35
CA MET A 202 -15.13 12.87 2.57
C MET A 202 -15.55 14.13 3.31
N GLU A 203 -15.80 15.22 2.57
CA GLU A 203 -16.18 16.50 3.15
C GLU A 203 -17.64 16.59 3.63
N SER A 204 -18.45 15.54 3.42
CA SER A 204 -19.82 15.54 3.91
C SER A 204 -19.83 15.15 5.39
N TYR A 205 -18.66 14.68 5.90
CA TYR A 205 -18.54 14.26 7.29
C TYR A 205 -17.99 15.33 8.20
N GLU A 206 -18.65 15.52 9.35
CA GLU A 206 -18.13 16.37 10.42
C GLU A 206 -17.89 15.45 11.62
N VAL A 207 -16.78 15.65 12.31
CA VAL A 207 -16.41 14.78 13.44
C VAL A 207 -16.12 15.61 14.66
N GLU A 208 -16.34 15.05 15.85
CA GLU A 208 -16.03 15.74 17.12
C GLU A 208 -15.02 14.83 17.84
N ILE A 209 -13.85 15.39 18.18
CA ILE A 209 -12.71 14.71 18.84
C ILE A 209 -12.22 15.64 19.95
N ASP A 210 -12.37 15.18 21.21
CA ASP A 210 -12.02 15.89 22.44
C ASP A 210 -12.59 17.29 22.50
N GLY A 211 -13.88 17.38 22.19
CA GLY A 211 -14.63 18.63 22.24
C GLY A 211 -14.40 19.62 21.11
N LYS A 212 -13.57 19.28 20.11
CA LYS A 212 -13.33 20.14 18.95
C LYS A 212 -14.04 19.53 17.74
N THR A 213 -14.70 20.35 16.88
CA THR A 213 -15.32 19.77 15.69
C THR A 213 -14.48 20.05 14.47
N TYR A 214 -14.52 19.16 13.49
CA TYR A 214 -13.82 19.29 12.21
C TYR A 214 -14.68 18.79 11.08
N GLN A 215 -14.50 19.35 9.89
CA GLN A 215 -15.06 18.81 8.66
C GLN A 215 -13.85 18.01 8.11
N VAL A 216 -13.99 16.70 7.89
CA VAL A 216 -12.87 15.87 7.42
C VAL A 216 -12.34 16.40 6.09
N LYS A 217 -11.02 16.58 6.02
CA LYS A 217 -10.35 17.07 4.83
C LYS A 217 -9.56 15.96 4.13
N PRO A 218 -9.71 15.76 2.81
CA PRO A 218 -8.83 14.81 2.11
C PRO A 218 -7.42 15.41 2.13
N ILE A 219 -6.39 14.58 2.22
CA ILE A 219 -5.02 15.14 2.18
C ILE A 219 -4.72 15.42 0.72
N ARG A 220 -4.72 16.70 0.35
CA ARG A 220 -4.64 17.12 -1.04
C ARG A 220 -3.38 16.71 -1.78
N ASN A 221 -2.24 16.53 -1.09
CA ASN A 221 -1.03 16.13 -1.81
C ASN A 221 -0.69 14.63 -1.66
N LEU A 222 -1.67 13.82 -1.22
CA LEU A 222 -1.58 12.35 -1.17
C LEU A 222 -2.59 11.83 -2.17
N ASN A 223 -2.31 10.66 -2.77
CA ASN A 223 -3.19 10.15 -3.83
C ASN A 223 -3.04 8.68 -4.16
N GLY A 224 -4.07 8.16 -4.80
CA GLY A 224 -4.10 6.84 -5.40
C GLY A 224 -3.17 6.85 -6.60
N HIS A 225 -2.92 5.69 -7.20
CA HIS A 225 -1.91 5.61 -8.27
C HIS A 225 -2.00 4.35 -9.06
N SER A 226 -1.53 4.39 -10.32
CA SER A 226 -1.46 3.17 -11.12
C SER A 226 -0.28 2.33 -10.58
N ILE A 227 -0.37 1.01 -10.74
CA ILE A 227 0.64 0.05 -10.31
C ILE A 227 1.15 -0.68 -11.53
N GLY A 228 2.48 -0.82 -11.62
CA GLY A 228 3.16 -1.52 -12.69
C GLY A 228 3.96 -2.69 -12.15
N GLN A 229 4.45 -3.57 -13.04
CA GLN A 229 5.26 -4.70 -12.58
C GLN A 229 6.51 -4.22 -11.88
N TYR A 230 6.67 -4.61 -10.59
CA TYR A 230 7.75 -4.17 -9.68
C TYR A 230 7.80 -2.62 -9.56
N ARG A 231 6.69 -1.95 -9.86
CA ARG A 231 6.64 -0.49 -9.85
C ARG A 231 5.40 -0.05 -9.09
N ILE A 232 5.57 0.23 -7.79
CA ILE A 232 4.44 0.66 -6.97
C ILE A 232 3.72 1.91 -7.56
N HIS A 233 4.47 2.89 -8.13
CA HIS A 233 3.87 4.06 -8.79
C HIS A 233 4.21 3.92 -10.27
N ALA A 234 3.23 3.54 -11.11
CA ALA A 234 3.50 3.35 -12.53
C ALA A 234 3.44 4.65 -13.37
N GLY A 235 3.01 5.76 -12.78
CA GLY A 235 2.98 7.04 -13.50
C GLY A 235 1.69 7.84 -13.50
N LYS A 236 0.57 7.22 -13.15
CA LYS A 236 -0.73 7.90 -13.11
C LYS A 236 -1.14 8.08 -11.66
N THR A 237 -1.75 9.24 -11.33
CA THR A 237 -2.18 9.50 -9.96
C THR A 237 -3.68 9.74 -9.90
N VAL A 238 -4.31 9.25 -8.84
CA VAL A 238 -5.75 9.40 -8.62
C VAL A 238 -5.91 10.47 -7.51
N PRO A 239 -6.29 11.72 -7.86
CA PRO A 239 -6.44 12.77 -6.82
C PRO A 239 -7.53 12.47 -5.80
N ILE A 240 -7.47 13.12 -4.62
CA ILE A 240 -8.51 12.91 -3.61
C ILE A 240 -9.20 14.25 -3.30
N VAL A 241 -8.88 15.31 -4.09
CA VAL A 241 -9.50 16.64 -4.03
C VAL A 241 -9.81 17.07 -5.47
N LYS A 242 -10.66 18.11 -5.64
CA LYS A 242 -10.97 18.69 -6.95
C LYS A 242 -9.73 19.50 -7.39
N GLY A 243 -9.61 19.74 -8.69
CA GLY A 243 -8.49 20.47 -9.26
C GLY A 243 -7.51 19.56 -9.98
N ALA A 246 -7.37 15.87 -16.63
CA ALA A 246 -8.50 15.02 -17.00
C ALA A 246 -8.09 13.73 -17.75
N THR A 247 -6.93 13.16 -17.37
CA THR A 247 -6.36 11.90 -17.88
C THR A 247 -7.32 10.75 -17.51
N ARG A 248 -7.40 9.72 -18.37
CA ARG A 248 -8.32 8.59 -18.20
C ARG A 248 -7.66 7.28 -17.80
N MET A 249 -8.45 6.40 -17.15
CA MET A 249 -8.06 5.06 -16.75
C MET A 249 -8.24 4.17 -17.97
N GLU A 250 -7.32 3.21 -18.16
CA GLU A 250 -7.36 2.35 -19.35
C GLU A 250 -7.50 0.90 -18.99
N GLU A 251 -8.04 0.10 -19.91
CA GLU A 251 -8.21 -1.35 -19.81
C GLU A 251 -6.87 -2.06 -19.55
N GLY A 252 -6.89 -2.99 -18.61
CA GLY A 252 -5.72 -3.77 -18.23
C GLY A 252 -4.86 -3.12 -17.16
N GLU A 253 -5.15 -1.87 -16.77
CA GLU A 253 -4.38 -1.19 -15.74
C GLU A 253 -4.76 -1.68 -14.36
N VAL A 254 -3.87 -1.46 -13.41
CA VAL A 254 -4.05 -1.83 -12.03
C VAL A 254 -3.86 -0.54 -11.21
N TYR A 255 -4.76 -0.27 -10.25
CA TYR A 255 -4.67 0.94 -9.43
C TYR A 255 -4.78 0.65 -7.96
N ALA A 256 -4.09 1.46 -7.15
CA ALA A 256 -4.28 1.48 -5.72
C ALA A 256 -5.22 2.67 -5.51
N ILE A 257 -6.43 2.41 -5.03
CA ILE A 257 -7.41 3.48 -4.76
C ILE A 257 -7.31 3.69 -3.27
N GLU A 258 -6.78 4.85 -2.90
CA GLU A 258 -6.57 5.15 -1.50
C GLU A 258 -7.00 6.54 -1.18
N THR A 259 -7.55 6.71 0.02
CA THR A 259 -7.88 8.05 0.48
C THR A 259 -7.29 8.28 1.86
N PHE A 260 -6.99 9.54 2.15
CA PHE A 260 -6.47 9.95 3.46
C PHE A 260 -7.34 11.09 3.93
N GLY A 261 -7.84 11.00 5.15
CA GLY A 261 -8.63 12.05 5.76
C GLY A 261 -7.83 12.66 6.89
N SER A 262 -7.98 13.96 7.10
CA SER A 262 -7.23 14.63 8.14
C SER A 262 -8.08 15.65 8.87
N THR A 263 -7.77 15.85 10.16
CA THR A 263 -8.38 16.91 10.99
C THR A 263 -7.46 18.16 10.99
N GLY A 264 -6.34 18.09 10.28
CA GLY A 264 -5.35 19.17 10.19
C GLY A 264 -5.56 20.06 8.99
N LYS A 265 -4.47 20.42 8.32
CA LYS A 265 -4.52 21.30 7.15
C LYS A 265 -4.93 20.56 5.87
N GLY A 266 -4.85 19.23 5.85
CA GLY A 266 -5.14 18.42 4.68
C GLY A 266 -4.01 18.49 3.66
N VAL A 267 -2.77 18.69 4.16
CA VAL A 267 -1.53 18.79 3.38
C VAL A 267 -0.45 18.12 4.21
N VAL A 268 0.40 17.30 3.59
CA VAL A 268 1.49 16.65 4.32
C VAL A 268 2.84 17.21 3.89
N HIS A 269 3.83 17.14 4.78
CA HIS A 269 5.19 17.61 4.53
C HIS A 269 6.13 16.54 5.09
N ASP A 270 7.36 16.50 4.59
CA ASP A 270 8.36 15.54 5.06
C ASP A 270 8.73 15.87 6.51
N ASP A 271 8.74 14.86 7.39
CA ASP A 271 9.16 15.07 8.77
C ASP A 271 9.73 13.79 9.32
N MET A 272 10.51 13.86 10.42
CA MET A 272 11.08 12.69 11.11
C MET A 272 12.17 12.01 10.29
N GLU A 273 12.84 11.02 10.87
CA GLU A 273 13.94 10.31 10.24
C GLU A 273 13.38 9.43 9.10
N CYS A 274 14.07 9.45 7.97
CA CYS A 274 13.68 8.59 6.84
C CYS A 274 13.95 7.10 7.08
N SER A 275 12.98 6.22 6.69
CA SER A 275 13.13 4.78 6.79
C SER A 275 12.98 4.15 5.44
N HIS A 276 12.18 4.76 4.54
CA HIS A 276 11.81 4.19 3.23
C HIS A 276 12.68 4.71 2.09
N TYR A 277 13.09 3.82 1.21
CA TYR A 277 13.92 4.14 0.03
C TYR A 277 13.52 3.28 -1.11
N MET A 278 13.78 3.75 -2.35
CA MET A 278 13.44 2.94 -3.51
C MET A 278 14.31 3.36 -4.66
N LYS A 279 14.81 2.38 -5.41
CA LYS A 279 15.61 2.67 -6.60
C LYS A 279 14.73 3.38 -7.62
N ASN A 280 15.28 4.39 -8.29
CA ASN A 280 14.56 5.14 -9.33
C ASN A 280 14.44 4.22 -10.53
N PHE A 281 13.19 3.95 -10.95
CA PHE A 281 12.90 3.07 -12.07
C PHE A 281 13.52 3.54 -13.41
N ASP A 282 13.68 4.87 -13.59
CA ASP A 282 14.19 5.47 -14.84
C ASP A 282 15.70 5.57 -14.96
N VAL A 283 16.43 5.27 -13.89
CA VAL A 283 17.88 5.32 -13.91
C VAL A 283 18.37 3.93 -14.30
N GLY A 284 19.17 3.87 -15.35
CA GLY A 284 19.73 2.62 -15.86
C GLY A 284 20.95 2.19 -15.08
N HIS A 285 21.85 1.44 -15.76
CA HIS A 285 23.08 0.97 -15.12
C HIS A 285 24.05 2.11 -14.89
N VAL A 286 24.54 2.23 -13.65
CA VAL A 286 25.51 3.24 -13.24
C VAL A 286 26.71 2.52 -12.60
N PRO A 287 27.89 2.48 -13.26
CA PRO A 287 29.05 1.84 -12.62
C PRO A 287 29.51 2.61 -11.39
N ILE A 288 29.77 1.92 -10.29
CA ILE A 288 30.24 2.53 -9.04
C ILE A 288 31.51 1.80 -8.61
N ARG A 289 32.59 2.58 -8.33
CA ARG A 289 33.85 2.04 -7.85
C ARG A 289 33.93 2.11 -6.33
N LEU A 290 33.33 3.16 -5.68
CA LEU A 290 33.34 3.37 -4.21
C LEU A 290 32.87 2.07 -3.58
N PRO A 291 33.72 1.38 -2.80
CA PRO A 291 33.38 -0.02 -2.42
C PRO A 291 32.15 -0.24 -1.55
N ARG A 292 31.93 0.57 -0.52
CA ARG A 292 30.74 0.38 0.33
C ARG A 292 29.48 0.74 -0.42
N THR A 293 29.54 1.80 -1.27
CA THR A 293 28.41 2.24 -2.11
C THR A 293 28.12 1.16 -3.18
N LYS A 294 29.15 0.61 -3.80
CA LYS A 294 28.99 -0.43 -4.83
C LYS A 294 28.36 -1.65 -4.18
N HIS A 295 28.85 -2.06 -3.00
CA HIS A 295 28.27 -3.22 -2.32
C HIS A 295 26.81 -3.01 -1.97
N LEU A 296 26.45 -1.86 -1.41
CA LEU A 296 25.06 -1.61 -1.06
C LEU A 296 24.17 -1.64 -2.29
N LEU A 297 24.62 -1.04 -3.41
CA LEU A 297 23.82 -1.06 -4.63
C LEU A 297 23.60 -2.50 -5.09
N ASN A 298 24.65 -3.34 -5.00
CA ASN A 298 24.48 -4.76 -5.37
C ASN A 298 23.47 -5.44 -4.47
N VAL A 299 23.54 -5.18 -3.17
CA VAL A 299 22.57 -5.72 -2.21
C VAL A 299 21.14 -5.32 -2.61
N ILE A 300 20.96 -4.06 -2.90
CA ILE A 300 19.64 -3.53 -3.31
C ILE A 300 19.17 -4.21 -4.58
N ASN A 301 20.06 -4.30 -5.61
CA ASN A 301 19.71 -4.91 -6.90
C ASN A 301 19.33 -6.35 -6.75
N GLU A 302 20.03 -7.08 -5.90
CA GLU A 302 19.73 -8.51 -5.67
C GLU A 302 18.47 -8.75 -4.89
N ASN A 303 18.19 -7.93 -3.87
CA ASN A 303 17.11 -8.22 -2.95
C ASN A 303 15.82 -7.49 -3.20
N PHE A 304 15.92 -6.28 -3.77
CA PHE A 304 14.73 -5.44 -3.93
C PHE A 304 14.45 -5.02 -5.35
N GLY A 305 15.47 -4.90 -6.16
CA GLY A 305 15.27 -4.41 -7.54
C GLY A 305 14.69 -3.00 -7.44
N THR A 306 13.54 -2.76 -8.10
CA THR A 306 12.85 -1.46 -8.05
C THR A 306 11.76 -1.40 -6.99
N LEU A 307 11.68 -2.41 -6.12
CA LEU A 307 10.70 -2.40 -5.03
C LEU A 307 11.25 -1.56 -3.87
N ALA A 308 10.33 -0.85 -3.14
CA ALA A 308 10.78 -0.07 -1.99
C ALA A 308 11.33 -0.97 -0.87
N PHE A 309 12.26 -0.45 -0.09
CA PHE A 309 12.85 -1.18 1.03
C PHE A 309 13.06 -0.19 2.17
N CYS A 310 13.44 -0.71 3.33
CA CYS A 310 13.67 0.17 4.48
C CYS A 310 14.99 -0.20 5.10
N ARG A 311 15.45 0.63 6.02
CA ARG A 311 16.70 0.36 6.72
C ARG A 311 16.64 -0.93 7.54
N ARG A 312 15.50 -1.27 8.19
CA ARG A 312 15.43 -2.55 8.92
C ARG A 312 15.69 -3.72 8.03
N TRP A 313 15.24 -3.66 6.75
CA TRP A 313 15.45 -4.77 5.84
C TRP A 313 16.92 -4.88 5.42
N LEU A 314 17.65 -3.75 5.44
CA LEU A 314 19.09 -3.84 5.20
C LEU A 314 19.74 -4.46 6.40
N ASP A 315 19.34 -4.08 7.60
CA ASP A 315 19.91 -4.68 8.84
C ASP A 315 19.69 -6.19 8.88
N ARG A 316 18.50 -6.63 8.46
CA ARG A 316 18.10 -8.05 8.46
C ARG A 316 19.00 -8.89 7.53
N LEU A 317 19.53 -8.26 6.47
CA LEU A 317 20.42 -8.89 5.51
C LEU A 317 21.88 -8.90 5.95
N GLY A 318 22.12 -8.40 7.16
CA GLY A 318 23.46 -8.40 7.74
C GLY A 318 24.31 -7.20 7.36
N GLU A 319 23.68 -6.16 6.78
CA GLU A 319 24.43 -4.97 6.40
C GLU A 319 24.60 -4.07 7.59
N SER A 320 25.79 -3.42 7.71
CA SER A 320 25.98 -2.47 8.77
C SER A 320 26.83 -1.32 8.22
N LYS A 321 26.83 -0.18 8.91
CA LYS A 321 27.62 1.03 8.53
C LYS A 321 27.35 1.37 7.06
N TYR A 322 26.07 1.32 6.65
CA TYR A 322 25.68 1.56 5.26
C TYR A 322 25.08 2.94 5.06
N LEU A 323 24.93 3.74 6.14
CA LEU A 323 24.21 5.02 5.99
C LEU A 323 24.89 5.97 5.01
N MET A 324 26.24 6.06 5.05
CA MET A 324 26.90 6.95 4.09
C MET A 324 26.72 6.42 2.66
N ALA A 325 26.87 5.09 2.45
CA ALA A 325 26.69 4.43 1.16
C ALA A 325 25.28 4.72 0.64
N LEU A 326 24.29 4.64 1.53
CA LEU A 326 22.90 4.90 1.16
C LEU A 326 22.68 6.38 0.78
N LYS A 327 23.30 7.30 1.50
CA LYS A 327 23.24 8.72 1.17
C LYS A 327 23.91 8.95 -0.18
N ASN A 328 25.05 8.26 -0.46
CA ASN A 328 25.69 8.39 -1.77
C ASN A 328 24.75 7.98 -2.88
N LEU A 329 24.05 6.86 -2.70
CA LEU A 329 23.11 6.41 -3.73
C LEU A 329 21.98 7.40 -3.95
N CYS A 330 21.52 8.06 -2.88
CA CYS A 330 20.47 9.08 -3.00
C CYS A 330 21.02 10.31 -3.72
N ASP A 331 22.23 10.77 -3.33
CA ASP A 331 22.87 11.93 -3.99
C ASP A 331 23.17 11.68 -5.45
N LEU A 332 23.45 10.42 -5.83
CA LEU A 332 23.72 10.07 -7.23
C LEU A 332 22.42 9.95 -8.06
N GLY A 333 21.26 9.98 -7.41
CA GLY A 333 19.97 9.85 -8.08
C GLY A 333 19.57 8.43 -8.40
N ILE A 334 20.36 7.44 -7.91
CA ILE A 334 20.07 6.01 -8.14
C ILE A 334 18.94 5.55 -7.24
N VAL A 335 18.94 6.02 -5.99
CA VAL A 335 17.91 5.68 -5.00
C VAL A 335 17.26 6.98 -4.57
N ASP A 336 15.97 6.96 -4.31
CA ASP A 336 15.25 8.10 -3.79
C ASP A 336 14.80 7.78 -2.35
N PRO A 337 14.94 8.76 -1.43
CA PRO A 337 14.41 8.58 -0.07
C PRO A 337 12.91 8.97 -0.08
N TYR A 338 12.12 8.35 0.80
CA TYR A 338 10.68 8.64 0.96
C TYR A 338 10.42 8.84 2.44
N PRO A 339 10.70 10.04 2.96
CA PRO A 339 10.53 10.27 4.39
C PRO A 339 9.06 10.24 4.82
N PRO A 340 8.82 10.06 6.13
CA PRO A 340 7.44 10.12 6.64
C PRO A 340 6.79 11.43 6.26
N LEU A 341 5.49 11.35 5.94
CA LEU A 341 4.70 12.51 5.51
C LEU A 341 3.67 12.82 6.56
N CYS A 342 3.76 14.02 7.14
CA CYS A 342 2.95 14.42 8.28
C CYS A 342 2.13 15.65 8.02
N ASP A 343 0.96 15.69 8.63
CA ASP A 343 0.14 16.91 8.69
C ASP A 343 0.62 17.63 9.99
N ILE A 344 -0.01 18.76 10.35
CA ILE A 344 0.38 19.55 11.52
C ILE A 344 0.34 18.78 12.84
N LYS A 345 1.18 19.20 13.83
CA LYS A 345 1.18 18.62 15.17
C LYS A 345 -0.22 18.72 15.78
N GLY A 346 -0.68 17.63 16.38
CA GLY A 346 -2.00 17.57 17.00
C GLY A 346 -3.12 17.14 16.06
N SER A 347 -2.84 16.97 14.76
CA SER A 347 -3.89 16.53 13.84
C SER A 347 -3.94 15.00 13.78
N TYR A 348 -5.07 14.48 13.28
CA TYR A 348 -5.29 13.03 13.17
C TYR A 348 -5.55 12.70 11.73
N THR A 349 -4.88 11.63 11.24
CA THR A 349 -5.06 11.22 9.85
C THR A 349 -5.47 9.76 9.83
N ALA A 350 -6.29 9.39 8.87
CA ALA A 350 -6.74 8.02 8.69
C ALA A 350 -6.60 7.69 7.19
N GLN A 351 -6.50 6.40 6.87
CA GLN A 351 -6.30 5.93 5.51
C GLN A 351 -7.00 4.58 5.32
N PHE A 352 -7.56 4.35 4.11
CA PHE A 352 -8.05 3.06 3.68
C PHE A 352 -7.63 2.94 2.24
N GLU A 353 -7.18 1.74 1.85
CA GLU A 353 -6.70 1.54 0.48
C GLU A 353 -6.97 0.13 0.01
N HIS A 354 -7.33 -0.01 -1.27
CA HIS A 354 -7.48 -1.31 -1.92
C HIS A 354 -6.80 -1.25 -3.27
N THR A 355 -6.45 -2.43 -3.82
CA THR A 355 -5.90 -2.58 -5.18
C THR A 355 -7.02 -3.10 -6.06
N ILE A 356 -7.16 -2.51 -7.26
CA ILE A 356 -8.19 -2.93 -8.20
C ILE A 356 -7.56 -3.27 -9.55
N LEU A 357 -8.11 -4.29 -10.24
CA LEU A 357 -7.69 -4.71 -11.55
C LEU A 357 -8.75 -4.25 -12.54
N LEU A 358 -8.32 -3.51 -13.57
CA LEU A 358 -9.27 -3.06 -14.60
C LEU A 358 -9.28 -4.08 -15.73
N ARG A 359 -9.86 -5.25 -15.41
CA ARG A 359 -9.93 -6.37 -16.34
C ARG A 359 -10.85 -6.05 -17.52
N PRO A 360 -10.56 -6.60 -18.72
CA PRO A 360 -11.42 -6.32 -19.88
C PRO A 360 -12.91 -6.58 -19.69
N THR A 361 -13.26 -7.56 -18.83
CA THR A 361 -14.64 -7.99 -18.59
C THR A 361 -15.30 -7.33 -17.38
N CYS A 362 -14.56 -7.12 -16.30
CA CYS A 362 -15.14 -6.56 -15.09
C CYS A 362 -14.08 -5.80 -14.31
N LYS A 363 -14.49 -5.12 -13.23
CA LYS A 363 -13.57 -4.45 -12.31
C LYS A 363 -13.45 -5.38 -11.11
N GLU A 364 -12.22 -5.84 -10.81
CA GLU A 364 -11.98 -6.73 -9.68
C GLU A 364 -11.28 -5.99 -8.55
N VAL A 365 -11.94 -5.91 -7.36
CA VAL A 365 -11.28 -5.31 -6.21
C VAL A 365 -10.55 -6.48 -5.61
N VAL A 366 -9.38 -6.78 -6.20
CA VAL A 366 -8.63 -7.99 -5.94
C VAL A 366 -8.25 -8.12 -4.47
N SER A 367 -7.95 -7.02 -3.77
CA SER A 367 -7.60 -7.10 -2.36
C SER A 367 -8.82 -7.26 -1.41
N ARG A 368 -10.05 -7.13 -1.93
CA ARG A 368 -11.27 -7.30 -1.11
C ARG A 368 -11.85 -8.71 -1.39
N GLY A 369 -12.03 -9.49 -0.34
CA GLY A 369 -12.54 -10.85 -0.45
C GLY A 369 -13.98 -10.93 -0.91
N ASP A 370 -14.29 -11.95 -1.73
CA ASP A 370 -15.63 -12.24 -2.25
C ASP A 370 -15.66 -13.58 -2.95
C1 7BH B . 6.59 4.70 -2.58
C2 7BH B . 8.04 4.43 -2.18
C3 7BH B . 7.98 4.32 -0.66
C8 7BH B . 6.34 7.81 -4.52
C9 7BH B . 5.70 8.80 -3.80
C10 7BH B . 5.48 10.04 -4.38
C11 7BH B . 5.91 10.28 -5.68
C12 7BH B . 6.53 9.27 -6.40
C13 7BH B . 6.76 8.01 -5.85
C14 7BH B . 4.46 3.73 -1.61
C16 7BH B . 2.48 4.02 -2.77
C19 7BH B . 3.74 3.02 -0.64
C21 7BH B . 2.95 1.93 1.02
C4 7BH B . 6.65 3.67 -0.38
N5 7BH B . 5.82 4.02 -1.53
C6 7BH B . 6.25 6.18 -2.71
O7 7BH B . 6.66 6.57 -4.02
N15 7BH B . 1.69 3.36 -1.93
N17 7BH B . 3.80 4.22 -2.70
C18 7BH B . 2.38 2.85 -0.87
N20 7BH B . 4.09 2.43 0.57
N22 7BH B . 1.90 2.14 0.19
C23 7BH B . 7.43 6.92 -6.64
MN MN C . -0.51 3.16 -2.40
MN MN D . -0.27 1.60 0.55
#